data_1GSE
#
_entry.id   1GSE
#
_cell.length_a   100.400
_cell.length_b   94.800
_cell.length_c   51.800
_cell.angle_alpha   90.00
_cell.angle_beta   92.96
_cell.angle_gamma   90.00
#
_symmetry.space_group_name_H-M   'C 1 2 1'
#
loop_
_entity.id
_entity.type
_entity.pdbx_description
1 polymer 'GLUTATHIONE TRANSFERASE'
2 non-polymer GLUTATHIONE
3 non-polymer 'ETHACRYNIC ACID'
4 non-polymer BETA-MERCAPTOETHANOL
5 water water
#
_entity_poly.entity_id   1
_entity_poly.type   'polypeptide(L)'
_entity_poly.pdbx_seq_one_letter_code
;AEKPKLHYFNARGKMESTRWLLAAAGVEFEEKFIKSAEDLDKLRNDGYLMFQQVPMVEIDGMKLVQTRAILNYIASKYNL
YGKDIKERALIDMYIEGIADLGEMILLLPVCPPEEKDAKLALIKEKIKNRYFPAFEKVLKSHGQDYLVGNKLSRADIHLV
ELLYYVEELDSSLISSFPLLKALKTRISNLPTVKKFLQPGSPRKPPMDEKSLEEARKIFRF
;
_entity_poly.pdbx_strand_id   A,B
#
# COMPACT_ATOMS: atom_id res chain seq x y z
N ALA A 1 8.53 7.66 -28.39
CA ALA A 1 7.96 9.04 -28.23
C ALA A 1 8.63 9.61 -26.99
N GLU A 2 7.84 10.05 -26.01
CA GLU A 2 8.39 10.52 -24.75
C GLU A 2 8.58 9.27 -23.90
N LYS A 3 9.81 8.98 -23.50
CA LYS A 3 10.06 7.83 -22.66
C LYS A 3 9.64 8.22 -21.24
N PRO A 4 9.25 7.23 -20.41
CA PRO A 4 8.86 7.55 -19.04
C PRO A 4 10.08 8.20 -18.34
N LYS A 5 9.83 9.20 -17.50
CA LYS A 5 10.90 9.86 -16.78
C LYS A 5 10.72 9.69 -15.25
N LEU A 6 11.69 9.04 -14.60
CA LEU A 6 11.64 8.78 -13.17
C LEU A 6 12.42 9.80 -12.37
N HIS A 7 11.75 10.37 -11.36
CA HIS A 7 12.33 11.38 -10.47
C HIS A 7 12.56 10.79 -9.10
N TYR A 8 13.82 10.74 -8.72
CA TYR A 8 14.20 10.23 -7.42
C TYR A 8 15.66 10.55 -7.23
N PHE A 9 16.22 9.98 -6.19
CA PHE A 9 17.60 10.17 -5.87
C PHE A 9 18.30 8.89 -6.35
N ASN A 10 19.60 8.98 -6.62
CA ASN A 10 20.40 7.87 -7.12
C ASN A 10 20.55 6.71 -6.14
N ALA A 11 19.50 5.92 -6.00
CA ALA A 11 19.51 4.81 -5.07
C ALA A 11 18.27 3.97 -5.25
N ARG A 12 18.25 2.79 -4.64
CA ARG A 12 17.12 1.89 -4.73
C ARG A 12 15.90 2.56 -4.13
N GLY A 13 15.85 2.63 -2.81
CA GLY A 13 14.74 3.25 -2.12
C GLY A 13 13.40 2.72 -2.57
N LYS A 14 12.44 3.62 -2.72
CA LYS A 14 11.09 3.25 -3.16
C LYS A 14 10.90 3.31 -4.67
N MET A 15 11.98 3.57 -5.41
CA MET A 15 11.90 3.66 -6.87
C MET A 15 12.36 2.37 -7.55
N GLU A 16 13.15 1.56 -6.87
CA GLU A 16 13.67 0.34 -7.45
C GLU A 16 12.65 -0.65 -8.03
N SER A 17 11.52 -0.88 -7.37
CA SER A 17 10.53 -1.82 -7.91
C SER A 17 9.95 -1.34 -9.25
N THR A 18 9.86 -0.02 -9.46
CA THR A 18 9.39 0.56 -10.71
C THR A 18 10.45 0.33 -11.82
N ARG A 19 11.73 0.48 -11.47
CA ARG A 19 12.81 0.28 -12.40
C ARG A 19 12.77 -1.17 -12.85
N TRP A 20 12.58 -2.09 -11.90
CA TRP A 20 12.51 -3.50 -12.24
C TRP A 20 11.30 -3.83 -13.13
N LEU A 21 10.15 -3.21 -12.85
CA LEU A 21 8.92 -3.47 -13.62
C LEU A 21 8.99 -2.96 -15.07
N LEU A 22 9.43 -1.73 -15.27
CA LEU A 22 9.54 -1.15 -16.60
C LEU A 22 10.50 -1.96 -17.44
N ALA A 23 11.63 -2.32 -16.86
CA ALA A 23 12.68 -3.08 -17.53
C ALA A 23 12.17 -4.47 -17.94
N ALA A 24 11.45 -5.13 -17.04
CA ALA A 24 10.89 -6.45 -17.32
C ALA A 24 9.86 -6.37 -18.45
N ALA A 25 9.21 -5.23 -18.58
CA ALA A 25 8.21 -5.02 -19.62
C ALA A 25 8.88 -4.58 -20.91
N GLY A 26 10.18 -4.32 -20.86
CA GLY A 26 10.88 -3.90 -22.07
C GLY A 26 10.70 -2.43 -22.40
N VAL A 27 10.37 -1.61 -21.38
CA VAL A 27 10.19 -0.19 -21.59
C VAL A 27 11.42 0.62 -21.18
N GLU A 28 11.96 1.40 -22.11
CA GLU A 28 13.13 2.23 -21.85
C GLU A 28 12.65 3.45 -21.10
N PHE A 29 13.46 3.95 -20.17
CA PHE A 29 13.07 5.12 -19.40
C PHE A 29 14.28 5.99 -19.12
N GLU A 30 14.02 7.22 -18.71
CA GLU A 30 15.07 8.18 -18.35
C GLU A 30 14.89 8.49 -16.87
N GLU A 31 15.99 8.82 -16.21
CA GLU A 31 15.96 9.15 -14.80
C GLU A 31 16.50 10.55 -14.62
N LYS A 32 15.86 11.33 -13.76
CA LYS A 32 16.34 12.66 -13.47
C LYS A 32 16.63 12.55 -11.98
N PHE A 33 17.91 12.60 -11.64
CA PHE A 33 18.32 12.47 -10.25
C PHE A 33 18.25 13.74 -9.42
N ILE A 34 17.82 13.59 -8.17
CA ILE A 34 17.76 14.68 -7.20
C ILE A 34 19.11 14.54 -6.50
N LYS A 35 19.95 15.57 -6.56
CA LYS A 35 21.27 15.53 -5.94
C LYS A 35 21.34 16.32 -4.65
N SER A 36 20.46 17.30 -4.49
CA SER A 36 20.45 18.12 -3.30
C SER A 36 19.04 18.46 -2.92
N ALA A 37 18.88 19.01 -1.73
CA ALA A 37 17.57 19.42 -1.23
C ALA A 37 17.02 20.55 -2.09
N GLU A 38 17.91 21.30 -2.74
CA GLU A 38 17.48 22.37 -3.62
C GLU A 38 16.82 21.80 -4.87
N ASP A 39 17.24 20.60 -5.24
CA ASP A 39 16.68 19.89 -6.38
C ASP A 39 15.24 19.48 -6.03
N LEU A 40 15.04 18.99 -4.81
CA LEU A 40 13.73 18.59 -4.34
C LEU A 40 12.80 19.79 -4.25
N ASP A 41 13.32 20.90 -3.74
CA ASP A 41 12.52 22.11 -3.60
C ASP A 41 12.08 22.70 -4.92
N LYS A 42 12.89 22.55 -5.96
CA LYS A 42 12.51 23.05 -7.27
C LYS A 42 11.32 22.26 -7.79
N LEU A 43 11.34 20.94 -7.60
CA LEU A 43 10.24 20.08 -8.04
C LEU A 43 8.96 20.48 -7.29
N ARG A 44 9.09 20.70 -6.00
CA ARG A 44 7.99 21.13 -5.16
C ARG A 44 7.40 22.47 -5.66
N ASN A 45 8.25 23.47 -5.81
CA ASN A 45 7.79 24.79 -6.25
C ASN A 45 7.26 24.84 -7.67
N ASP A 46 7.68 23.88 -8.50
CA ASP A 46 7.22 23.79 -9.89
C ASP A 46 5.86 23.14 -9.94
N GLY A 47 5.37 22.73 -8.77
CA GLY A 47 4.07 22.10 -8.69
C GLY A 47 4.05 20.70 -9.25
N TYR A 48 5.19 20.01 -9.18
CA TYR A 48 5.28 18.67 -9.72
C TYR A 48 4.94 17.51 -8.81
N LEU A 49 4.93 17.75 -7.50
CA LEU A 49 4.67 16.69 -6.53
C LEU A 49 3.39 16.97 -5.74
N MET A 50 2.37 16.16 -5.99
CA MET A 50 1.09 16.37 -5.30
C MET A 50 1.19 16.42 -3.79
N PHE A 51 2.00 15.53 -3.21
CA PHE A 51 2.15 15.48 -1.77
C PHE A 51 3.55 15.90 -1.32
N GLN A 52 4.24 16.66 -2.18
CA GLN A 52 5.57 17.20 -1.90
C GLN A 52 6.66 16.12 -1.73
N GLN A 53 6.38 14.91 -2.22
CA GLN A 53 7.29 13.78 -2.11
C GLN A 53 7.59 13.10 -3.47
N VAL A 54 8.65 12.29 -3.47
CA VAL A 54 9.03 11.48 -4.61
C VAL A 54 8.96 10.07 -4.00
N PRO A 55 8.93 9.00 -4.81
CA PRO A 55 8.96 8.87 -6.28
C PRO A 55 7.87 9.64 -7.05
N MET A 56 8.24 10.11 -8.23
CA MET A 56 7.30 10.76 -9.12
C MET A 56 7.76 10.27 -10.51
N VAL A 57 6.81 9.86 -11.33
CA VAL A 57 7.10 9.39 -12.67
C VAL A 57 6.26 10.14 -13.71
N GLU A 58 6.93 10.75 -14.68
CA GLU A 58 6.21 11.45 -15.75
C GLU A 58 5.91 10.38 -16.80
N ILE A 59 4.64 10.11 -17.03
CA ILE A 59 4.25 9.11 -18.00
C ILE A 59 2.84 9.41 -18.53
N ASP A 60 2.68 9.32 -19.85
CA ASP A 60 1.42 9.53 -20.53
C ASP A 60 0.70 10.81 -20.15
N GLY A 61 1.47 11.88 -20.05
CA GLY A 61 0.93 13.19 -19.72
C GLY A 61 0.64 13.44 -18.25
N MET A 62 0.96 12.47 -17.41
CA MET A 62 0.70 12.60 -15.98
C MET A 62 1.98 12.72 -15.17
N LYS A 63 1.86 13.34 -13.99
CA LYS A 63 2.94 13.51 -13.02
C LYS A 63 2.44 12.62 -11.89
N LEU A 64 2.66 11.32 -12.03
CA LEU A 64 2.20 10.38 -11.01
C LEU A 64 3.10 10.26 -9.83
N VAL A 65 2.52 10.41 -8.64
CA VAL A 65 3.26 10.23 -7.38
C VAL A 65 2.60 9.03 -6.68
N GLN A 66 3.30 8.50 -5.68
CA GLN A 66 2.86 7.34 -4.88
C GLN A 66 3.21 6.05 -5.55
N THR A 67 4.11 5.32 -4.91
CA THR A 67 4.58 4.04 -5.41
C THR A 67 3.51 3.09 -5.98
N ARG A 68 2.48 2.75 -5.21
CA ARG A 68 1.45 1.85 -5.70
C ARG A 68 0.66 2.40 -6.88
N ALA A 69 0.48 3.73 -6.95
CA ALA A 69 -0.24 4.35 -8.06
C ALA A 69 0.59 4.18 -9.35
N ILE A 70 1.89 4.43 -9.24
CA ILE A 70 2.83 4.30 -10.33
C ILE A 70 2.91 2.86 -10.82
N LEU A 71 3.12 1.90 -9.91
CA LEU A 71 3.21 0.50 -10.26
C LEU A 71 1.89 -0.09 -10.80
N ASN A 72 0.75 0.32 -10.25
CA ASN A 72 -0.55 -0.18 -10.75
C ASN A 72 -0.78 0.27 -12.18
N TYR A 73 -0.43 1.52 -12.47
CA TYR A 73 -0.60 2.04 -13.81
C TYR A 73 0.23 1.26 -14.83
N ILE A 74 1.53 1.18 -14.56
CA ILE A 74 2.47 0.47 -15.41
C ILE A 74 2.12 -1.00 -15.60
N ALA A 75 1.73 -1.68 -14.53
CA ALA A 75 1.35 -3.10 -14.64
C ALA A 75 0.13 -3.26 -15.54
N SER A 76 -0.85 -2.36 -15.42
CA SER A 76 -2.04 -2.45 -16.27
C SER A 76 -1.72 -2.14 -17.71
N LYS A 77 -1.00 -1.04 -17.93
CA LYS A 77 -0.64 -0.63 -19.28
C LYS A 77 0.12 -1.69 -20.06
N TYR A 78 0.98 -2.45 -19.40
CA TYR A 78 1.75 -3.47 -20.06
C TYR A 78 1.27 -4.89 -19.84
N ASN A 79 -0.01 -5.04 -19.53
CA ASN A 79 -0.59 -6.38 -19.36
C ASN A 79 0.11 -7.30 -18.37
N LEU A 80 0.52 -6.76 -17.24
CA LEU A 80 1.19 -7.54 -16.20
C LEU A 80 0.35 -7.57 -14.92
N TYR A 81 -0.93 -7.26 -15.03
CA TYR A 81 -1.79 -7.23 -13.86
C TYR A 81 -2.93 -8.25 -13.92
N GLY A 82 -2.68 -9.38 -14.58
CA GLY A 82 -3.69 -10.41 -14.67
C GLY A 82 -4.69 -10.19 -15.79
N LYS A 83 -5.62 -11.13 -15.92
CA LYS A 83 -6.62 -11.07 -16.98
C LYS A 83 -8.01 -10.63 -16.52
N ASP A 84 -8.27 -10.68 -15.22
CA ASP A 84 -9.55 -10.26 -14.68
C ASP A 84 -9.45 -9.85 -13.21
N ILE A 85 -10.58 -9.46 -12.65
CA ILE A 85 -10.73 -9.02 -11.27
C ILE A 85 -10.25 -10.08 -10.27
N LYS A 86 -10.55 -11.35 -10.52
CA LYS A 86 -10.13 -12.39 -9.60
C LYS A 86 -8.64 -12.66 -9.65
N GLU A 87 -8.04 -12.58 -10.83
CA GLU A 87 -6.61 -12.81 -10.94
C GLU A 87 -5.92 -11.62 -10.31
N ARG A 88 -6.47 -10.42 -10.48
CA ARG A 88 -5.85 -9.25 -9.87
C ARG A 88 -5.88 -9.36 -8.34
N ALA A 89 -6.95 -9.89 -7.78
CA ALA A 89 -7.08 -10.08 -6.33
C ALA A 89 -5.96 -10.98 -5.77
N LEU A 90 -5.62 -12.06 -6.47
CA LEU A 90 -4.53 -12.96 -6.04
C LEU A 90 -3.19 -12.23 -6.14
N ILE A 91 -3.01 -11.50 -7.22
CA ILE A 91 -1.80 -10.73 -7.45
C ILE A 91 -1.61 -9.71 -6.34
N ASP A 92 -2.65 -8.93 -6.06
CA ASP A 92 -2.59 -7.93 -5.00
C ASP A 92 -2.26 -8.54 -3.63
N MET A 93 -2.93 -9.63 -3.29
CA MET A 93 -2.69 -10.32 -2.03
C MET A 93 -1.22 -10.73 -1.92
N TYR A 94 -0.68 -11.32 -2.98
CA TYR A 94 0.70 -11.78 -3.00
C TYR A 94 1.68 -10.62 -2.89
N ILE A 95 1.53 -9.62 -3.75
CA ILE A 95 2.47 -8.51 -3.77
C ILE A 95 2.39 -7.60 -2.55
N GLU A 96 1.26 -7.62 -1.86
CA GLU A 96 1.16 -6.82 -0.64
C GLU A 96 1.99 -7.53 0.45
N GLY A 97 2.08 -8.86 0.38
CA GLY A 97 2.89 -9.61 1.33
C GLY A 97 4.36 -9.27 1.05
N ILE A 98 4.73 -9.25 -0.22
CA ILE A 98 6.08 -8.89 -0.68
C ILE A 98 6.43 -7.45 -0.24
N ALA A 99 5.47 -6.53 -0.36
CA ALA A 99 5.68 -5.15 0.04
C ALA A 99 6.00 -5.06 1.55
N ASP A 100 5.30 -5.85 2.38
CA ASP A 100 5.54 -5.82 3.83
C ASP A 100 6.98 -6.26 4.17
N LEU A 101 7.36 -7.42 3.65
CA LEU A 101 8.70 -7.92 3.90
C LEU A 101 9.74 -6.96 3.31
N GLY A 102 9.49 -6.50 2.10
CA GLY A 102 10.38 -5.59 1.43
C GLY A 102 10.62 -4.30 2.20
N GLU A 103 9.59 -3.79 2.87
CA GLU A 103 9.71 -2.56 3.64
C GLU A 103 10.64 -2.78 4.84
N MET A 104 10.51 -3.94 5.46
CA MET A 104 11.34 -4.29 6.61
C MET A 104 12.83 -4.25 6.25
N ILE A 105 13.17 -4.90 5.14
CA ILE A 105 14.55 -4.95 4.68
C ILE A 105 15.02 -3.57 4.21
N LEU A 106 14.14 -2.80 3.58
CA LEU A 106 14.51 -1.47 3.09
C LEU A 106 14.98 -0.56 4.21
N LEU A 107 14.21 -0.56 5.30
CA LEU A 107 14.50 0.28 6.45
C LEU A 107 15.57 -0.20 7.42
N LEU A 108 16.03 -1.44 7.28
CA LEU A 108 17.06 -1.99 8.15
C LEU A 108 18.24 -1.02 8.36
N PRO A 109 18.79 -0.42 7.28
CA PRO A 109 19.91 0.51 7.43
C PRO A 109 19.63 1.79 8.23
N VAL A 110 18.38 2.20 8.34
CA VAL A 110 18.08 3.40 9.14
C VAL A 110 17.50 3.04 10.50
N CYS A 111 17.75 1.80 10.94
CA CYS A 111 17.28 1.31 12.23
C CYS A 111 18.34 1.58 13.31
N PRO A 112 17.90 1.86 14.55
CA PRO A 112 18.83 2.12 15.64
C PRO A 112 19.80 0.96 15.82
N PRO A 113 21.10 1.27 15.95
CA PRO A 113 22.17 0.28 16.13
C PRO A 113 21.84 -0.64 17.29
N GLU A 114 21.24 -0.06 18.31
CA GLU A 114 20.84 -0.78 19.49
C GLU A 114 19.82 -1.84 19.11
N GLU A 115 18.95 -1.47 18.17
CA GLU A 115 17.87 -2.35 17.70
C GLU A 115 18.18 -3.31 16.56
N LYS A 116 19.09 -2.92 15.67
CA LYS A 116 19.44 -3.76 14.51
C LYS A 116 19.53 -5.26 14.72
N ASP A 117 20.22 -5.69 15.77
CA ASP A 117 20.38 -7.12 16.03
C ASP A 117 19.08 -7.86 16.27
N ALA A 118 18.14 -7.22 16.96
CA ALA A 118 16.85 -7.82 17.24
C ALA A 118 15.98 -7.77 15.98
N LYS A 119 16.08 -6.66 15.26
CA LYS A 119 15.34 -6.45 14.02
C LYS A 119 15.63 -7.53 12.98
N LEU A 120 16.89 -7.60 12.57
CA LEU A 120 17.33 -8.57 11.58
C LEU A 120 16.94 -10.00 11.91
N ALA A 121 16.96 -10.33 13.20
CA ALA A 121 16.59 -11.67 13.64
C ALA A 121 15.12 -11.90 13.40
N LEU A 122 14.34 -10.85 13.62
CA LEU A 122 12.90 -10.89 13.43
C LEU A 122 12.63 -11.12 11.92
N ILE A 123 13.33 -10.39 11.07
CA ILE A 123 13.18 -10.50 9.61
C ILE A 123 13.46 -11.92 9.12
N LYS A 124 14.63 -12.45 9.47
CA LYS A 124 15.02 -13.80 9.07
C LYS A 124 14.03 -14.84 9.56
N GLU A 125 13.44 -14.59 10.72
CA GLU A 125 12.44 -15.49 11.27
C GLU A 125 11.18 -15.44 10.41
N LYS A 126 10.74 -14.23 10.05
CA LYS A 126 9.55 -14.03 9.21
C LYS A 126 9.75 -14.65 7.83
N ILE A 127 10.94 -14.46 7.28
CA ILE A 127 11.28 -15.03 5.98
C ILE A 127 11.13 -16.56 6.03
N LYS A 128 11.80 -17.20 6.97
CA LYS A 128 11.74 -18.65 7.07
C LYS A 128 10.44 -19.24 7.52
N ASN A 129 9.69 -18.52 8.34
CA ASN A 129 8.45 -19.09 8.84
C ASN A 129 7.17 -18.49 8.38
N ARG A 130 7.20 -17.35 7.70
CA ARG A 130 5.96 -16.74 7.24
C ARG A 130 5.86 -16.51 5.73
N TYR A 131 6.79 -15.73 5.19
CA TYR A 131 6.75 -15.41 3.78
C TYR A 131 7.17 -16.48 2.79
N PHE A 132 8.37 -17.05 2.94
CA PHE A 132 8.82 -18.08 1.99
C PHE A 132 7.93 -19.31 1.93
N PRO A 133 7.42 -19.79 3.09
CA PRO A 133 6.53 -20.96 3.01
C PRO A 133 5.24 -20.62 2.28
N ALA A 134 4.77 -19.39 2.43
CA ALA A 134 3.54 -18.98 1.77
C ALA A 134 3.65 -19.02 0.24
N PHE A 135 4.75 -18.49 -0.29
CA PHE A 135 5.00 -18.47 -1.73
C PHE A 135 5.36 -19.85 -2.27
N GLU A 136 6.18 -20.59 -1.54
CA GLU A 136 6.57 -21.94 -1.94
C GLU A 136 5.29 -22.81 -2.09
N LYS A 137 4.34 -22.61 -1.18
CA LYS A 137 3.07 -23.33 -1.18
C LYS A 137 2.21 -23.01 -2.39
N VAL A 138 2.19 -21.75 -2.81
CA VAL A 138 1.43 -21.34 -3.99
C VAL A 138 1.99 -22.05 -5.25
N LEU A 139 3.31 -22.06 -5.37
CA LEU A 139 3.94 -22.71 -6.52
C LEU A 139 3.73 -24.23 -6.51
N LYS A 140 3.73 -24.82 -5.34
CA LYS A 140 3.52 -26.26 -5.23
C LYS A 140 2.06 -26.64 -5.49
N SER A 141 1.14 -25.74 -5.16
CA SER A 141 -0.29 -25.99 -5.37
C SER A 141 -0.69 -26.19 -6.82
N HIS A 142 -0.13 -25.39 -7.72
CA HIS A 142 -0.49 -25.55 -9.12
C HIS A 142 0.58 -26.17 -10.00
N GLY A 143 1.81 -26.21 -9.50
CA GLY A 143 2.92 -26.76 -10.25
C GLY A 143 3.28 -26.01 -11.52
N GLN A 144 2.81 -24.78 -11.65
CA GLN A 144 3.09 -23.97 -12.84
C GLN A 144 4.31 -23.08 -12.67
N ASP A 145 4.81 -22.58 -13.79
CA ASP A 145 6.02 -21.75 -13.80
C ASP A 145 5.85 -20.34 -13.29
N TYR A 146 4.61 -19.86 -13.26
CA TYR A 146 4.36 -18.51 -12.78
C TYR A 146 3.42 -18.58 -11.59
N LEU A 147 3.42 -17.52 -10.77
CA LEU A 147 2.58 -17.45 -9.58
C LEU A 147 1.08 -17.45 -9.85
N VAL A 148 0.67 -16.67 -10.84
CA VAL A 148 -0.73 -16.51 -11.19
C VAL A 148 -1.06 -16.65 -12.68
N GLY A 149 -2.12 -17.40 -12.96
CA GLY A 149 -2.62 -17.59 -14.31
C GLY A 149 -1.71 -18.21 -15.34
N ASN A 150 -0.69 -18.93 -14.87
CA ASN A 150 0.27 -19.58 -15.74
C ASN A 150 0.78 -18.63 -16.83
N LYS A 151 1.02 -17.39 -16.43
CA LYS A 151 1.51 -16.35 -17.33
C LYS A 151 2.31 -15.34 -16.51
N LEU A 152 3.38 -14.79 -17.06
CA LEU A 152 4.19 -13.82 -16.34
C LEU A 152 3.36 -12.63 -15.86
N SER A 153 3.53 -12.22 -14.60
CA SER A 153 2.80 -11.06 -14.09
C SER A 153 3.73 -10.26 -13.19
N ARG A 154 3.28 -9.08 -12.78
CA ARG A 154 4.05 -8.23 -11.87
C ARG A 154 4.40 -9.01 -10.58
N ALA A 155 3.57 -9.98 -10.19
CA ALA A 155 3.85 -10.76 -8.98
C ALA A 155 5.18 -11.52 -9.06
N ASP A 156 5.45 -12.14 -10.22
CA ASP A 156 6.69 -12.87 -10.40
C ASP A 156 7.87 -11.92 -10.37
N ILE A 157 7.69 -10.73 -10.96
CA ILE A 157 8.74 -9.73 -11.00
C ILE A 157 9.07 -9.19 -9.60
N HIS A 158 8.04 -8.80 -8.85
CA HIS A 158 8.25 -8.28 -7.50
C HIS A 158 8.89 -9.33 -6.59
N LEU A 159 8.46 -10.59 -6.71
CA LEU A 159 8.98 -11.66 -5.87
C LEU A 159 10.46 -11.94 -6.09
N VAL A 160 10.85 -12.08 -7.36
CA VAL A 160 12.24 -12.32 -7.74
C VAL A 160 13.11 -11.14 -7.32
N GLU A 161 12.62 -9.92 -7.47
CA GLU A 161 13.38 -8.77 -7.02
C GLU A 161 13.66 -8.94 -5.52
N LEU A 162 12.63 -9.32 -4.75
CA LEU A 162 12.79 -9.53 -3.31
C LEU A 162 13.78 -10.67 -2.98
N LEU A 163 13.75 -11.76 -3.74
CA LEU A 163 14.67 -12.89 -3.54
C LEU A 163 16.13 -12.43 -3.65
N TYR A 164 16.43 -11.49 -4.54
CA TYR A 164 17.78 -10.98 -4.65
C TYR A 164 18.18 -10.20 -3.37
N TYR A 165 17.25 -9.47 -2.77
CA TYR A 165 17.56 -8.71 -1.55
C TYR A 165 17.78 -9.65 -0.36
N VAL A 166 16.97 -10.70 -0.30
CA VAL A 166 17.10 -11.70 0.77
C VAL A 166 18.45 -12.39 0.62
N GLU A 167 18.88 -12.58 -0.64
CA GLU A 167 20.15 -13.21 -0.90
C GLU A 167 21.27 -12.37 -0.35
N GLU A 168 21.21 -11.06 -0.58
CA GLU A 168 22.21 -10.13 -0.08
C GLU A 168 22.27 -10.16 1.44
N LEU A 169 21.14 -10.46 2.07
CA LEU A 169 21.03 -10.51 3.51
C LEU A 169 21.59 -11.80 4.07
N ASP A 170 21.16 -12.92 3.52
CA ASP A 170 21.60 -14.22 3.97
C ASP A 170 21.24 -15.20 2.87
N SER A 171 22.24 -15.67 2.14
CA SER A 171 22.02 -16.61 1.04
C SER A 171 21.51 -18.00 1.43
N SER A 172 21.59 -18.34 2.71
CA SER A 172 21.13 -19.65 3.13
C SER A 172 19.64 -19.73 3.34
N LEU A 173 18.98 -18.58 3.49
CA LEU A 173 17.54 -18.55 3.73
C LEU A 173 16.67 -19.23 2.68
N ILE A 174 17.06 -19.12 1.41
CA ILE A 174 16.27 -19.72 0.34
C ILE A 174 16.51 -21.22 0.20
N SER A 175 17.50 -21.73 0.94
CA SER A 175 17.86 -23.14 0.88
C SER A 175 16.74 -24.17 0.88
N SER A 176 15.87 -24.14 1.89
CA SER A 176 14.78 -25.12 1.95
C SER A 176 13.57 -24.82 1.07
N PHE A 177 13.73 -23.91 0.10
CA PHE A 177 12.63 -23.56 -0.79
C PHE A 177 13.04 -23.76 -2.24
N PRO A 178 13.06 -25.02 -2.72
CA PRO A 178 13.44 -25.33 -4.11
C PRO A 178 12.63 -24.65 -5.21
N LEU A 179 11.31 -24.58 -5.06
CA LEU A 179 10.46 -23.96 -6.06
C LEU A 179 10.74 -22.47 -6.19
N LEU A 180 11.01 -21.82 -5.07
CA LEU A 180 11.35 -20.38 -5.08
C LEU A 180 12.67 -20.19 -5.81
N LYS A 181 13.61 -21.09 -5.54
CA LYS A 181 14.92 -21.03 -6.17
C LYS A 181 14.76 -21.21 -7.70
N ALA A 182 13.88 -22.14 -8.10
CA ALA A 182 13.60 -22.42 -9.50
C ALA A 182 13.00 -21.20 -10.19
N LEU A 183 12.04 -20.55 -9.53
CA LEU A 183 11.40 -19.35 -10.07
C LEU A 183 12.42 -18.24 -10.26
N LYS A 184 13.31 -18.07 -9.28
CA LYS A 184 14.34 -17.05 -9.35
C LYS A 184 15.18 -17.23 -10.61
N THR A 185 15.54 -18.48 -10.89
CA THR A 185 16.34 -18.81 -12.07
C THR A 185 15.59 -18.53 -13.36
N ARG A 186 14.41 -19.09 -13.47
CA ARG A 186 13.56 -18.93 -14.65
C ARG A 186 13.31 -17.45 -15.00
N ILE A 187 12.91 -16.64 -14.02
CA ILE A 187 12.64 -15.23 -14.27
C ILE A 187 13.91 -14.47 -14.66
N SER A 188 15.01 -14.79 -14.02
CA SER A 188 16.27 -14.10 -14.32
C SER A 188 16.74 -14.36 -15.76
N ASN A 189 16.25 -15.43 -16.38
CA ASN A 189 16.64 -15.77 -17.74
C ASN A 189 15.76 -15.16 -18.80
N LEU A 190 14.67 -14.50 -18.41
CA LEU A 190 13.83 -13.85 -19.40
C LEU A 190 14.72 -12.76 -20.02
N PRO A 191 14.68 -12.59 -21.34
CA PRO A 191 15.52 -11.59 -22.02
C PRO A 191 15.56 -10.20 -21.40
N THR A 192 14.40 -9.62 -21.13
CA THR A 192 14.34 -8.28 -20.56
C THR A 192 14.97 -8.19 -19.15
N VAL A 193 14.70 -9.18 -18.31
CA VAL A 193 15.21 -9.22 -16.95
C VAL A 193 16.71 -9.49 -16.97
N LYS A 194 17.15 -10.41 -17.84
CA LYS A 194 18.57 -10.75 -17.96
C LYS A 194 19.38 -9.52 -18.36
N LYS A 195 18.81 -8.71 -19.25
CA LYS A 195 19.44 -7.48 -19.70
C LYS A 195 19.53 -6.47 -18.53
N PHE A 196 18.51 -6.47 -17.68
CA PHE A 196 18.44 -5.58 -16.51
C PHE A 196 19.43 -6.01 -15.41
N LEU A 197 19.71 -7.31 -15.33
CA LEU A 197 20.66 -7.80 -14.34
C LEU A 197 22.12 -7.59 -14.73
N GLN A 198 22.36 -7.39 -16.03
CA GLN A 198 23.70 -7.19 -16.56
C GLN A 198 24.31 -5.87 -16.15
N PRO A 199 25.67 -5.78 -16.15
CA PRO A 199 26.35 -4.55 -15.78
C PRO A 199 25.92 -3.43 -16.73
N GLY A 200 25.87 -2.21 -16.21
CA GLY A 200 25.50 -1.06 -17.02
C GLY A 200 24.02 -0.70 -17.11
N SER A 201 23.14 -1.52 -16.55
CA SER A 201 21.70 -1.23 -16.59
C SER A 201 21.32 -0.19 -15.53
N PRO A 202 20.04 0.23 -15.47
CA PRO A 202 19.65 1.20 -14.46
C PRO A 202 19.51 0.59 -13.06
N ARG A 203 19.71 -0.72 -12.93
CA ARG A 203 19.60 -1.38 -11.62
C ARG A 203 20.54 -0.69 -10.64
N LYS A 204 20.10 -0.48 -9.40
CA LYS A 204 20.91 0.23 -8.40
C LYS A 204 21.54 -0.64 -7.32
N PRO A 205 22.74 -0.25 -6.84
CA PRO A 205 23.46 -1.01 -5.80
C PRO A 205 22.91 -0.69 -4.41
N PRO A 206 23.20 -1.54 -3.43
CA PRO A 206 22.71 -1.26 -2.07
C PRO A 206 23.33 0.05 -1.60
N MET A 207 22.77 0.64 -0.55
CA MET A 207 23.25 1.93 -0.07
C MET A 207 24.54 1.93 0.76
N ASP A 208 25.32 3.00 0.62
CA ASP A 208 26.56 3.16 1.37
C ASP A 208 26.39 4.34 2.31
N GLU A 209 27.06 4.28 3.46
CA GLU A 209 26.97 5.32 4.49
C GLU A 209 27.07 6.76 4.04
N LYS A 210 27.92 7.07 3.05
CA LYS A 210 28.03 8.45 2.61
C LYS A 210 26.73 8.85 1.93
N SER A 211 26.36 8.11 0.90
CA SER A 211 25.14 8.39 0.16
C SER A 211 23.90 8.31 1.05
N LEU A 212 23.90 7.38 2.00
CA LEU A 212 22.78 7.24 2.91
C LEU A 212 22.72 8.52 3.74
N GLU A 213 23.88 8.99 4.16
CA GLU A 213 24.00 10.20 4.96
C GLU A 213 23.28 11.37 4.28
N GLU A 214 23.54 11.54 2.99
CA GLU A 214 22.93 12.62 2.24
C GLU A 214 21.43 12.39 1.96
N ALA A 215 21.03 11.17 1.64
CA ALA A 215 19.63 10.91 1.37
C ALA A 215 18.85 11.35 2.61
N ARG A 216 19.36 10.97 3.78
CA ARG A 216 18.76 11.32 5.06
C ARG A 216 18.63 12.82 5.30
N LYS A 217 19.62 13.60 4.87
CA LYS A 217 19.56 15.04 5.07
C LYS A 217 18.47 15.64 4.18
N ILE A 218 18.47 15.28 2.90
CA ILE A 218 17.50 15.77 1.92
C ILE A 218 16.07 15.39 2.32
N PHE A 219 15.82 14.09 2.43
CA PHE A 219 14.49 13.57 2.76
C PHE A 219 14.08 13.63 4.22
N ARG A 220 14.98 14.10 5.07
CA ARG A 220 14.73 14.20 6.50
C ARG A 220 14.19 12.88 7.06
N PHE A 221 15.05 11.87 7.13
CA PHE A 221 14.66 10.56 7.65
C PHE A 221 15.85 9.81 8.29
N ALA B 1 -27.35 -14.05 -1.45
CA ALA B 1 -26.50 -15.28 -1.38
C ALA B 1 -25.57 -15.16 -0.18
N GLU B 2 -24.30 -15.55 -0.36
CA GLU B 2 -23.32 -15.48 0.72
C GLU B 2 -22.80 -14.05 0.87
N LYS B 3 -23.27 -13.37 1.90
CA LYS B 3 -22.83 -12.00 2.18
C LYS B 3 -21.37 -12.09 2.58
N PRO B 4 -20.56 -11.09 2.21
CA PRO B 4 -19.14 -11.12 2.57
C PRO B 4 -18.98 -11.28 4.09
N LYS B 5 -17.97 -12.04 4.53
CA LYS B 5 -17.71 -12.22 5.96
C LYS B 5 -16.35 -11.65 6.32
N LEU B 6 -16.36 -10.62 7.16
CA LEU B 6 -15.15 -9.95 7.60
C LEU B 6 -14.63 -10.55 8.89
N HIS B 7 -13.36 -10.90 8.88
CA HIS B 7 -12.69 -11.50 10.02
C HIS B 7 -11.67 -10.53 10.56
N TYR B 8 -11.92 -10.07 11.78
CA TYR B 8 -11.05 -9.13 12.44
C TYR B 8 -11.49 -9.08 13.90
N PHE B 9 -10.89 -8.17 14.64
CA PHE B 9 -11.16 -7.98 16.03
C PHE B 9 -12.14 -6.81 16.09
N ASN B 10 -12.99 -6.78 17.10
CA ASN B 10 -14.02 -5.74 17.25
C ASN B 10 -13.42 -4.35 17.45
N ALA B 11 -13.00 -3.73 16.35
CA ALA B 11 -12.40 -2.40 16.38
C ALA B 11 -12.17 -1.91 14.97
N ARG B 12 -11.81 -0.63 14.85
CA ARG B 12 -11.53 0.00 13.58
C ARG B 12 -10.33 -0.67 12.91
N GLY B 13 -9.14 -0.32 13.39
CA GLY B 13 -7.91 -0.88 12.88
C GLY B 13 -7.84 -0.79 11.37
N LYS B 14 -7.37 -1.87 10.76
CA LYS B 14 -7.23 -1.94 9.31
C LYS B 14 -8.46 -2.49 8.60
N MET B 15 -9.55 -2.72 9.33
CA MET B 15 -10.78 -3.25 8.74
C MET B 15 -11.84 -2.19 8.50
N GLU B 16 -11.73 -1.05 9.17
CA GLU B 16 -12.71 0.01 9.03
C GLU B 16 -12.94 0.57 7.61
N SER B 17 -11.89 0.81 6.83
CA SER B 17 -12.10 1.32 5.47
C SER B 17 -12.92 0.37 4.61
N THR B 18 -12.78 -0.93 4.84
CA THR B 18 -13.54 -1.97 4.14
C THR B 18 -15.03 -1.90 4.55
N ARG B 19 -15.30 -1.72 5.85
CA ARG B 19 -16.68 -1.63 6.33
C ARG B 19 -17.34 -0.41 5.66
N TRP B 20 -16.61 0.71 5.60
CA TRP B 20 -17.11 1.94 4.99
C TRP B 20 -17.39 1.76 3.49
N LEU B 21 -16.50 1.07 2.79
CA LEU B 21 -16.68 0.88 1.36
C LEU B 21 -17.86 -0.04 1.05
N LEU B 22 -17.97 -1.17 1.72
CA LEU B 22 -19.09 -2.08 1.48
C LEU B 22 -20.41 -1.38 1.74
N ALA B 23 -20.49 -0.66 2.85
CA ALA B 23 -21.68 0.06 3.25
C ALA B 23 -22.04 1.12 2.25
N ALA B 24 -21.07 1.87 1.77
CA ALA B 24 -21.36 2.89 0.77
C ALA B 24 -21.85 2.26 -0.54
N ALA B 25 -21.47 1.01 -0.80
CA ALA B 25 -21.90 0.31 -2.01
C ALA B 25 -23.25 -0.35 -1.78
N GLY B 26 -23.73 -0.29 -0.54
CA GLY B 26 -25.03 -0.88 -0.21
C GLY B 26 -24.98 -2.40 -0.03
N VAL B 27 -23.79 -2.93 0.27
CA VAL B 27 -23.63 -4.36 0.46
C VAL B 27 -23.68 -4.74 1.93
N GLU B 28 -24.58 -5.65 2.27
CA GLU B 28 -24.69 -6.13 3.64
C GLU B 28 -23.59 -7.15 3.85
N PHE B 29 -23.00 -7.15 5.05
CA PHE B 29 -21.94 -8.09 5.36
C PHE B 29 -22.07 -8.61 6.78
N GLU B 30 -21.33 -9.68 7.06
CA GLU B 30 -21.32 -10.28 8.38
C GLU B 30 -19.90 -10.16 8.88
N GLU B 31 -19.75 -10.08 10.19
CA GLU B 31 -18.45 -9.98 10.80
C GLU B 31 -18.29 -11.16 11.76
N LYS B 32 -17.10 -11.73 11.80
CA LYS B 32 -16.81 -12.82 12.71
C LYS B 32 -15.65 -12.26 13.50
N PHE B 33 -15.92 -11.89 14.76
CA PHE B 33 -14.94 -11.29 15.64
C PHE B 33 -13.96 -12.24 16.31
N ILE B 34 -12.69 -11.81 16.34
CA ILE B 34 -11.64 -12.56 16.99
C ILE B 34 -11.61 -11.95 18.40
N LYS B 35 -11.91 -12.79 19.40
CA LYS B 35 -11.95 -12.36 20.81
C LYS B 35 -10.69 -12.71 21.59
N SER B 36 -9.98 -13.75 21.15
CA SER B 36 -8.78 -14.18 21.84
C SER B 36 -7.73 -14.62 20.84
N ALA B 37 -6.49 -14.78 21.31
CA ALA B 37 -5.40 -15.25 20.45
C ALA B 37 -5.74 -16.67 19.97
N GLU B 38 -6.51 -17.38 20.78
CA GLU B 38 -6.95 -18.72 20.48
C GLU B 38 -7.82 -18.69 19.23
N ASP B 39 -8.59 -17.61 19.09
CA ASP B 39 -9.43 -17.45 17.92
C ASP B 39 -8.57 -17.24 16.67
N LEU B 40 -7.50 -16.46 16.83
CA LEU B 40 -6.58 -16.19 15.72
C LEU B 40 -5.88 -17.48 15.28
N ASP B 41 -5.38 -18.23 16.27
CA ASP B 41 -4.68 -19.46 15.98
C ASP B 41 -5.53 -20.47 15.27
N LYS B 42 -6.82 -20.51 15.56
CA LYS B 42 -7.67 -21.47 14.87
C LYS B 42 -7.76 -21.09 13.39
N LEU B 43 -7.86 -19.78 13.11
CA LEU B 43 -7.93 -19.33 11.72
C LEU B 43 -6.64 -19.73 11.01
N ARG B 44 -5.51 -19.51 11.68
CA ARG B 44 -4.22 -19.86 11.13
C ARG B 44 -4.16 -21.34 10.82
N ASN B 45 -4.44 -22.17 11.83
CA ASN B 45 -4.40 -23.61 11.67
C ASN B 45 -5.36 -24.19 10.63
N ASP B 46 -6.49 -23.52 10.40
CA ASP B 46 -7.41 -24.01 9.38
C ASP B 46 -6.97 -23.57 7.99
N GLY B 47 -5.80 -22.95 7.93
CA GLY B 47 -5.23 -22.48 6.66
C GLY B 47 -5.98 -21.34 6.02
N TYR B 48 -6.65 -20.54 6.84
CA TYR B 48 -7.43 -19.42 6.33
C TYR B 48 -6.68 -18.15 6.01
N LEU B 49 -5.51 -17.97 6.62
CA LEU B 49 -4.75 -16.74 6.43
C LEU B 49 -3.43 -16.97 5.71
N MET B 50 -3.32 -16.47 4.48
CA MET B 50 -2.11 -16.67 3.69
C MET B 50 -0.82 -16.29 4.41
N PHE B 51 -0.81 -15.12 5.04
CA PHE B 51 0.36 -14.65 5.76
C PHE B 51 0.13 -14.65 7.29
N GLN B 52 -0.81 -15.48 7.74
CA GLN B 52 -1.11 -15.62 9.17
C GLN B 52 -1.64 -14.36 9.84
N GLN B 53 -2.13 -13.42 9.05
CA GLN B 53 -2.64 -12.15 9.55
C GLN B 53 -4.05 -11.84 9.09
N VAL B 54 -4.68 -10.90 9.80
CA VAL B 54 -6.01 -10.40 9.45
C VAL B 54 -5.72 -8.90 9.19
N PRO B 55 -6.64 -8.17 8.54
CA PRO B 55 -7.94 -8.51 7.96
C PRO B 55 -7.96 -9.69 6.99
N MET B 56 -9.10 -10.36 6.95
CA MET B 56 -9.34 -11.44 6.03
C MET B 56 -10.82 -11.32 5.71
N VAL B 57 -11.16 -11.39 4.43
CA VAL B 57 -12.56 -11.30 4.01
C VAL B 57 -12.93 -12.48 3.11
N GLU B 58 -13.97 -13.20 3.49
CA GLU B 58 -14.47 -14.29 2.67
C GLU B 58 -15.47 -13.67 1.72
N ILE B 59 -15.16 -13.74 0.44
CA ILE B 59 -16.02 -13.16 -0.59
C ILE B 59 -15.76 -13.86 -1.94
N ASP B 60 -16.84 -14.16 -2.64
CA ASP B 60 -16.80 -14.82 -3.94
C ASP B 60 -15.94 -16.06 -4.00
N GLY B 61 -15.98 -16.85 -2.91
CA GLY B 61 -15.24 -18.08 -2.84
C GLY B 61 -13.78 -17.92 -2.45
N MET B 62 -13.36 -16.68 -2.20
CA MET B 62 -11.98 -16.43 -1.83
C MET B 62 -11.84 -16.06 -0.36
N LYS B 63 -10.66 -16.35 0.20
CA LYS B 63 -10.27 -16.03 1.56
C LYS B 63 -9.22 -14.94 1.31
N LEU B 64 -9.67 -13.73 1.03
CA LEU B 64 -8.76 -12.62 0.75
C LEU B 64 -8.11 -11.98 1.95
N VAL B 65 -6.78 -11.89 1.92
CA VAL B 65 -6.05 -11.21 2.98
C VAL B 65 -5.37 -10.00 2.33
N GLN B 66 -4.87 -9.09 3.17
CA GLN B 66 -4.21 -7.84 2.78
C GLN B 66 -5.23 -6.76 2.45
N THR B 67 -5.24 -5.70 3.26
CA THR B 67 -6.15 -4.57 3.08
C THR B 67 -6.31 -4.05 1.64
N ARG B 68 -5.23 -3.67 0.98
CA ARG B 68 -5.35 -3.19 -0.40
C ARG B 68 -5.92 -4.23 -1.38
N ALA B 69 -5.59 -5.51 -1.20
CA ALA B 69 -6.13 -6.55 -2.06
C ALA B 69 -7.64 -6.60 -1.91
N ILE B 70 -8.10 -6.57 -0.65
CA ILE B 70 -9.51 -6.61 -0.34
C ILE B 70 -10.26 -5.39 -0.88
N LEU B 71 -9.72 -4.21 -0.61
CA LEU B 71 -10.33 -2.98 -1.05
C LEU B 71 -10.35 -2.86 -2.58
N ASN B 72 -9.26 -3.24 -3.24
CA ASN B 72 -9.19 -3.18 -4.71
C ASN B 72 -10.26 -4.07 -5.35
N TYR B 73 -10.46 -5.27 -4.82
CA TYR B 73 -11.45 -6.19 -5.36
C TYR B 73 -12.87 -5.64 -5.25
N ILE B 74 -13.23 -5.21 -4.05
CA ILE B 74 -14.53 -4.63 -3.75
C ILE B 74 -14.80 -3.39 -4.57
N ALA B 75 -13.82 -2.49 -4.68
CA ALA B 75 -13.98 -1.27 -5.47
C ALA B 75 -14.22 -1.59 -6.94
N SER B 76 -13.53 -2.60 -7.46
CA SER B 76 -13.72 -2.98 -8.86
C SER B 76 -15.08 -3.67 -9.07
N LYS B 77 -15.40 -4.60 -8.17
CA LYS B 77 -16.66 -5.34 -8.25
C LYS B 77 -17.89 -4.42 -8.23
N TYR B 78 -17.83 -3.34 -7.47
CA TYR B 78 -18.97 -2.44 -7.39
C TYR B 78 -18.81 -1.14 -8.14
N ASN B 79 -17.96 -1.13 -9.16
CA ASN B 79 -17.77 0.05 -9.99
C ASN B 79 -17.46 1.35 -9.29
N LEU B 80 -16.57 1.27 -8.32
CA LEU B 80 -16.15 2.45 -7.58
C LEU B 80 -14.65 2.71 -7.82
N TYR B 81 -14.08 2.07 -8.85
CA TYR B 81 -12.67 2.24 -9.15
C TYR B 81 -12.42 2.98 -10.47
N GLY B 82 -13.35 3.85 -10.87
CA GLY B 82 -13.18 4.62 -12.09
C GLY B 82 -13.59 3.86 -13.35
N LYS B 83 -13.55 4.53 -14.50
CA LYS B 83 -13.94 3.88 -15.76
C LYS B 83 -12.81 3.33 -16.61
N ASP B 84 -11.60 3.81 -16.39
CA ASP B 84 -10.46 3.36 -17.17
C ASP B 84 -9.15 3.44 -16.38
N ILE B 85 -8.04 2.99 -16.97
CA ILE B 85 -6.80 3.05 -16.22
C ILE B 85 -6.26 4.42 -15.91
N LYS B 86 -6.62 5.41 -16.70
CA LYS B 86 -6.13 6.75 -16.38
C LYS B 86 -6.89 7.29 -15.15
N GLU B 87 -8.18 6.94 -15.04
CA GLU B 87 -8.99 7.37 -13.90
C GLU B 87 -8.50 6.60 -12.67
N ARG B 88 -8.23 5.31 -12.83
CA ARG B 88 -7.70 4.52 -11.70
C ARG B 88 -6.38 5.12 -11.20
N ALA B 89 -5.54 5.62 -12.10
CA ALA B 89 -4.26 6.21 -11.73
C ALA B 89 -4.44 7.42 -10.82
N LEU B 90 -5.43 8.27 -11.12
CA LEU B 90 -5.70 9.45 -10.29
C LEU B 90 -6.26 9.01 -8.94
N ILE B 91 -7.17 8.04 -8.97
CA ILE B 91 -7.78 7.48 -7.76
C ILE B 91 -6.69 6.88 -6.88
N ASP B 92 -5.84 6.05 -7.45
CA ASP B 92 -4.75 5.42 -6.68
C ASP B 92 -3.84 6.45 -6.05
N MET B 93 -3.42 7.45 -6.80
CA MET B 93 -2.55 8.51 -6.29
C MET B 93 -3.21 9.23 -5.10
N TYR B 94 -4.50 9.53 -5.24
CA TYR B 94 -5.24 10.22 -4.17
C TYR B 94 -5.40 9.36 -2.93
N ILE B 95 -5.88 8.13 -3.10
CA ILE B 95 -6.10 7.26 -1.95
C ILE B 95 -4.81 6.77 -1.26
N GLU B 96 -3.69 6.76 -1.97
CA GLU B 96 -2.44 6.36 -1.31
C GLU B 96 -2.00 7.53 -0.39
N GLY B 97 -2.32 8.76 -0.78
CA GLY B 97 -2.01 9.91 0.05
C GLY B 97 -2.86 9.82 1.31
N ILE B 98 -4.13 9.44 1.15
CA ILE B 98 -5.07 9.25 2.25
C ILE B 98 -4.60 8.11 3.16
N ALA B 99 -4.10 7.03 2.58
CA ALA B 99 -3.59 5.89 3.37
C ALA B 99 -2.38 6.30 4.23
N ASP B 100 -1.50 7.16 3.70
CA ASP B 100 -0.34 7.61 4.47
C ASP B 100 -0.74 8.39 5.71
N LEU B 101 -1.62 9.38 5.53
CA LEU B 101 -2.12 10.20 6.62
C LEU B 101 -2.92 9.34 7.59
N GLY B 102 -3.76 8.47 7.03
CA GLY B 102 -4.60 7.60 7.83
C GLY B 102 -3.82 6.67 8.72
N GLU B 103 -2.69 6.19 8.22
CA GLU B 103 -1.89 5.29 9.00
C GLU B 103 -1.30 6.03 10.20
N MET B 104 -0.85 7.26 9.98
CA MET B 104 -0.27 8.08 11.03
C MET B 104 -1.26 8.20 12.21
N ILE B 105 -2.49 8.55 11.88
CA ILE B 105 -3.53 8.71 12.87
C ILE B 105 -3.91 7.39 13.55
N LEU B 106 -3.94 6.32 12.79
CA LEU B 106 -4.29 5.01 13.31
C LEU B 106 -3.36 4.57 14.42
N LEU B 107 -2.07 4.78 14.19
CA LEU B 107 -1.03 4.37 15.13
C LEU B 107 -0.74 5.35 16.27
N LEU B 108 -1.36 6.51 16.25
CA LEU B 108 -1.14 7.51 17.30
C LEU B 108 -1.30 6.90 18.71
N PRO B 109 -2.37 6.13 18.95
CA PRO B 109 -2.57 5.52 20.28
C PRO B 109 -1.50 4.50 20.69
N VAL B 110 -0.87 3.86 19.71
CA VAL B 110 0.18 2.87 19.94
C VAL B 110 1.57 3.54 19.96
N CYS B 111 1.62 4.85 19.74
CA CYS B 111 2.88 5.58 19.73
C CYS B 111 3.43 5.72 21.17
N PRO B 112 4.77 5.57 21.34
CA PRO B 112 5.38 5.68 22.66
C PRO B 112 5.02 7.02 23.29
N PRO B 113 4.60 7.00 24.56
CA PRO B 113 4.17 8.19 25.28
C PRO B 113 5.19 9.34 25.22
N GLU B 114 6.46 9.06 25.34
CA GLU B 114 7.46 10.13 25.26
C GLU B 114 7.51 10.79 23.87
N GLU B 115 6.87 10.18 22.87
CA GLU B 115 6.84 10.70 21.51
C GLU B 115 5.48 11.29 21.10
N LYS B 116 4.43 10.82 21.75
CA LYS B 116 3.07 11.28 21.45
C LYS B 116 2.90 12.78 21.13
N ASP B 117 3.52 13.62 21.93
CA ASP B 117 3.38 15.06 21.70
C ASP B 117 3.98 15.48 20.37
N ALA B 118 5.15 14.95 20.07
CA ALA B 118 5.84 15.27 18.82
C ALA B 118 5.04 14.78 17.63
N LYS B 119 4.58 13.54 17.71
CA LYS B 119 3.79 12.93 16.64
C LYS B 119 2.53 13.71 16.32
N LEU B 120 1.75 14.04 17.35
CA LEU B 120 0.50 14.77 17.16
C LEU B 120 0.73 16.12 16.49
N ALA B 121 1.85 16.77 16.81
CA ALA B 121 2.18 18.06 16.24
C ALA B 121 2.56 17.91 14.77
N LEU B 122 3.31 16.86 14.46
CA LEU B 122 3.73 16.60 13.09
C LEU B 122 2.53 16.29 12.21
N ILE B 123 1.59 15.51 12.74
CA ILE B 123 0.38 15.15 12.03
C ILE B 123 -0.47 16.37 11.67
N LYS B 124 -0.71 17.25 12.63
CA LYS B 124 -1.53 18.44 12.39
C LYS B 124 -0.87 19.34 11.37
N GLU B 125 0.45 19.40 11.40
CA GLU B 125 1.20 20.21 10.47
C GLU B 125 1.04 19.64 9.05
N LYS B 126 1.17 18.32 8.90
CA LYS B 126 1.02 17.65 7.61
C LYS B 126 -0.40 17.83 7.06
N ILE B 127 -1.38 17.75 7.94
CA ILE B 127 -2.78 17.94 7.56
C ILE B 127 -2.98 19.34 6.97
N LYS B 128 -2.49 20.36 7.67
CA LYS B 128 -2.67 21.74 7.23
C LYS B 128 -1.79 22.19 6.08
N ASN B 129 -0.60 21.66 5.99
CA ASN B 129 0.28 22.10 4.92
C ASN B 129 0.56 21.12 3.78
N ARG B 130 0.11 19.88 3.90
CA ARG B 130 0.38 18.91 2.85
C ARG B 130 -0.85 18.23 2.28
N TYR B 131 -1.58 17.51 3.12
CA TYR B 131 -2.74 16.77 2.66
C TYR B 131 -4.02 17.52 2.33
N PHE B 132 -4.49 18.38 3.22
CA PHE B 132 -5.72 19.12 2.93
C PHE B 132 -5.58 20.10 1.75
N PRO B 133 -4.46 20.84 1.66
CA PRO B 133 -4.35 21.75 0.51
C PRO B 133 -4.37 20.95 -0.80
N ALA B 134 -3.74 19.78 -0.80
CA ALA B 134 -3.70 18.97 -2.01
C ALA B 134 -5.09 18.55 -2.49
N PHE B 135 -5.94 18.12 -1.57
CA PHE B 135 -7.27 17.69 -1.97
C PHE B 135 -8.21 18.84 -2.29
N GLU B 136 -8.04 19.96 -1.59
CA GLU B 136 -8.85 21.15 -1.81
C GLU B 136 -8.53 21.65 -3.22
N LYS B 137 -7.26 21.57 -3.58
CA LYS B 137 -6.80 22.01 -4.89
C LYS B 137 -7.45 21.20 -6.03
N VAL B 138 -7.58 19.89 -5.84
CA VAL B 138 -8.19 19.01 -6.85
C VAL B 138 -9.65 19.42 -7.09
N LEU B 139 -10.40 19.62 -6.01
CA LEU B 139 -11.81 20.00 -6.09
C LEU B 139 -11.97 21.37 -6.74
N LYS B 140 -11.08 22.29 -6.43
CA LYS B 140 -11.15 23.63 -6.99
C LYS B 140 -10.79 23.60 -8.49
N SER B 141 -9.90 22.70 -8.87
CA SER B 141 -9.47 22.59 -10.26
C SER B 141 -10.59 22.27 -11.23
N HIS B 142 -11.48 21.35 -10.86
CA HIS B 142 -12.56 21.01 -11.77
C HIS B 142 -13.94 21.53 -11.35
N GLY B 143 -14.06 22.01 -10.11
CA GLY B 143 -15.33 22.52 -9.61
C GLY B 143 -16.46 21.51 -9.56
N GLN B 144 -16.14 20.23 -9.67
CA GLN B 144 -17.15 19.17 -9.64
C GLN B 144 -17.39 18.63 -8.24
N ASP B 145 -18.50 17.91 -8.08
CA ASP B 145 -18.91 17.36 -6.80
C ASP B 145 -18.15 16.15 -6.33
N TYR B 146 -17.44 15.50 -7.25
CA TYR B 146 -16.66 14.32 -6.89
C TYR B 146 -15.21 14.54 -7.27
N LEU B 147 -14.31 13.80 -6.62
CA LEU B 147 -12.87 13.93 -6.84
C LEU B 147 -12.42 13.53 -8.24
N VAL B 148 -12.97 12.43 -8.76
CA VAL B 148 -12.57 11.90 -10.06
C VAL B 148 -13.73 11.54 -10.99
N GLY B 149 -13.64 12.00 -12.23
CA GLY B 149 -14.64 11.69 -13.23
C GLY B 149 -16.08 12.13 -13.00
N ASN B 150 -16.27 13.12 -12.15
CA ASN B 150 -17.59 13.65 -11.84
C ASN B 150 -18.62 12.59 -11.49
N LYS B 151 -18.18 11.56 -10.79
CA LYS B 151 -19.04 10.46 -10.40
C LYS B 151 -18.45 9.88 -9.11
N LEU B 152 -19.29 9.34 -8.23
CA LEU B 152 -18.81 8.78 -6.97
C LEU B 152 -17.80 7.63 -7.16
N SER B 153 -16.71 7.66 -6.40
CA SER B 153 -15.73 6.60 -6.47
C SER B 153 -15.21 6.33 -5.05
N ARG B 154 -14.42 5.27 -4.89
CA ARG B 154 -13.83 4.91 -3.61
C ARG B 154 -13.03 6.09 -3.06
N ALA B 155 -12.48 6.92 -3.94
CA ALA B 155 -11.69 8.07 -3.51
C ALA B 155 -12.49 9.02 -2.59
N ASP B 156 -13.74 9.30 -2.96
CA ASP B 156 -14.58 10.18 -2.16
C ASP B 156 -14.91 9.52 -0.83
N ILE B 157 -15.14 8.21 -0.85
CA ILE B 157 -15.48 7.46 0.35
C ILE B 157 -14.32 7.44 1.34
N HIS B 158 -13.12 7.10 0.86
CA HIS B 158 -11.94 7.05 1.70
C HIS B 158 -11.63 8.45 2.26
N LEU B 159 -11.78 9.48 1.43
CA LEU B 159 -11.49 10.82 1.88
C LEU B 159 -12.40 11.26 3.02
N VAL B 160 -13.70 11.08 2.83
CA VAL B 160 -14.70 11.48 3.83
C VAL B 160 -14.48 10.71 5.12
N GLU B 161 -14.15 9.42 5.01
CA GLU B 161 -13.88 8.63 6.20
C GLU B 161 -12.73 9.28 6.98
N LEU B 162 -11.67 9.68 6.27
CA LEU B 162 -10.53 10.32 6.93
C LEU B 162 -10.90 11.67 7.56
N LEU B 163 -11.80 12.41 6.92
CA LEU B 163 -12.24 13.71 7.45
C LEU B 163 -12.91 13.55 8.83
N TYR B 164 -13.60 12.42 9.03
CA TYR B 164 -14.22 12.16 10.33
C TYR B 164 -13.16 11.93 11.40
N TYR B 165 -12.07 11.24 11.06
CA TYR B 165 -11.02 10.99 12.02
C TYR B 165 -10.25 12.24 12.37
N VAL B 166 -10.06 13.12 11.38
CA VAL B 166 -9.36 14.36 11.63
C VAL B 166 -10.21 15.24 12.54
N GLU B 167 -11.54 15.17 12.37
CA GLU B 167 -12.48 15.94 13.17
C GLU B 167 -12.36 15.50 14.62
N GLU B 168 -12.29 14.19 14.84
CA GLU B 168 -12.13 13.61 16.17
C GLU B 168 -10.84 14.11 16.80
N LEU B 169 -9.85 14.37 15.96
CA LEU B 169 -8.54 14.83 16.42
C LEU B 169 -8.54 16.31 16.77
N ASP B 170 -9.07 17.11 15.87
CA ASP B 170 -9.10 18.54 16.05
C ASP B 170 -10.04 19.07 14.97
N SER B 171 -11.23 19.46 15.39
CA SER B 171 -12.25 19.96 14.47
C SER B 171 -11.93 21.29 13.78
N SER B 172 -10.91 21.99 14.24
CA SER B 172 -10.58 23.26 13.61
C SER B 172 -9.75 23.11 12.35
N LEU B 173 -9.08 21.97 12.20
CA LEU B 173 -8.23 21.73 11.04
C LEU B 173 -8.89 21.89 9.68
N ILE B 174 -10.16 21.51 9.55
CA ILE B 174 -10.88 21.61 8.27
C ILE B 174 -11.45 23.01 7.99
N SER B 175 -11.35 23.91 8.95
CA SER B 175 -11.88 25.27 8.81
C SER B 175 -11.51 26.01 7.53
N SER B 176 -10.23 26.13 7.23
CA SER B 176 -9.78 26.84 6.04
C SER B 176 -9.94 26.10 4.72
N PHE B 177 -10.69 25.00 4.72
CA PHE B 177 -10.92 24.20 3.53
C PHE B 177 -12.40 23.98 3.27
N PRO B 178 -13.09 24.99 2.71
CA PRO B 178 -14.53 24.93 2.41
C PRO B 178 -14.99 23.85 1.43
N LEU B 179 -14.21 23.57 0.38
CA LEU B 179 -14.61 22.54 -0.58
C LEU B 179 -14.57 21.16 0.08
N LEU B 180 -13.58 20.94 0.94
CA LEU B 180 -13.49 19.69 1.66
C LEU B 180 -14.69 19.59 2.59
N LYS B 181 -15.05 20.69 3.25
CA LYS B 181 -16.20 20.66 4.15
C LYS B 181 -17.45 20.33 3.36
N ALA B 182 -17.56 20.91 2.16
CA ALA B 182 -18.70 20.68 1.29
C ALA B 182 -18.83 19.23 0.86
N LEU B 183 -17.70 18.62 0.52
CA LEU B 183 -17.69 17.22 0.09
C LEU B 183 -18.09 16.33 1.26
N LYS B 184 -17.62 16.67 2.46
CA LYS B 184 -17.93 15.88 3.65
C LYS B 184 -19.45 15.81 3.80
N THR B 185 -20.11 16.93 3.56
CA THR B 185 -21.54 17.04 3.68
C THR B 185 -22.27 16.23 2.61
N ARG B 186 -21.94 16.48 1.35
CA ARG B 186 -22.56 15.75 0.23
C ARG B 186 -22.47 14.24 0.39
N ILE B 187 -21.27 13.73 0.65
CA ILE B 187 -21.07 12.29 0.79
C ILE B 187 -21.83 11.71 2.00
N SER B 188 -21.87 12.46 3.09
CA SER B 188 -22.57 12.00 4.30
C SER B 188 -24.08 11.88 4.08
N ASN B 189 -24.60 12.61 3.09
CA ASN B 189 -26.02 12.57 2.79
C ASN B 189 -26.45 11.52 1.80
N LEU B 190 -25.51 10.80 1.19
CA LEU B 190 -25.90 9.74 0.27
C LEU B 190 -26.58 8.70 1.17
N PRO B 191 -27.71 8.17 0.73
CA PRO B 191 -28.50 7.17 1.47
C PRO B 191 -27.71 6.07 2.14
N THR B 192 -26.80 5.44 1.40
CA THR B 192 -25.99 4.34 1.95
C THR B 192 -25.05 4.81 3.07
N VAL B 193 -24.39 5.93 2.84
CA VAL B 193 -23.45 6.47 3.82
C VAL B 193 -24.19 7.01 5.06
N LYS B 194 -25.33 7.68 4.84
CA LYS B 194 -26.14 8.21 5.94
C LYS B 194 -26.61 7.06 6.85
N LYS B 195 -26.94 5.92 6.26
CA LYS B 195 -27.38 4.77 7.04
C LYS B 195 -26.20 4.22 7.87
N PHE B 196 -24.99 4.30 7.31
CA PHE B 196 -23.78 3.80 7.98
C PHE B 196 -23.35 4.72 9.11
N LEU B 197 -23.62 6.02 8.97
CA LEU B 197 -23.25 7.00 9.99
C LEU B 197 -24.22 6.99 11.18
N GLN B 198 -25.43 6.46 10.96
CA GLN B 198 -26.47 6.39 11.98
C GLN B 198 -26.18 5.39 13.07
N PRO B 199 -26.72 5.62 14.28
CA PRO B 199 -26.51 4.71 15.41
C PRO B 199 -26.97 3.31 15.04
N GLY B 200 -26.24 2.30 15.52
CA GLY B 200 -26.61 0.92 15.26
C GLY B 200 -25.99 0.22 14.08
N SER B 201 -25.18 0.94 13.30
CA SER B 201 -24.55 0.35 12.12
C SER B 201 -23.26 -0.38 12.51
N PRO B 202 -22.58 -1.05 11.54
CA PRO B 202 -21.34 -1.76 11.85
C PRO B 202 -20.18 -0.79 12.10
N ARG B 203 -20.40 0.50 11.91
CA ARG B 203 -19.36 1.50 12.14
C ARG B 203 -18.78 1.30 13.54
N LYS B 204 -17.46 1.36 13.66
CA LYS B 204 -16.83 1.16 14.95
C LYS B 204 -16.33 2.43 15.64
N PRO B 205 -16.33 2.45 16.99
CA PRO B 205 -15.88 3.61 17.77
C PRO B 205 -14.36 3.61 17.94
N PRO B 206 -13.79 4.72 18.44
CA PRO B 206 -12.35 4.78 18.65
C PRO B 206 -11.99 3.72 19.68
N MET B 207 -10.72 3.33 19.73
CA MET B 207 -10.30 2.31 20.68
C MET B 207 -9.97 2.84 22.08
N ASP B 208 -10.51 2.16 23.09
CA ASP B 208 -10.29 2.54 24.48
C ASP B 208 -9.10 1.74 25.02
N GLU B 209 -8.39 2.35 25.98
CA GLU B 209 -7.23 1.75 26.59
C GLU B 209 -7.38 0.27 26.97
N LYS B 210 -8.51 -0.08 27.56
CA LYS B 210 -8.78 -1.45 27.97
C LYS B 210 -8.81 -2.44 26.83
N SER B 211 -9.56 -2.11 25.78
CA SER B 211 -9.66 -2.98 24.62
C SER B 211 -8.35 -2.99 23.81
N LEU B 212 -7.67 -1.85 23.82
CA LEU B 212 -6.41 -1.71 23.12
C LEU B 212 -5.36 -2.66 23.68
N GLU B 213 -5.29 -2.83 25.02
CA GLU B 213 -4.28 -3.75 25.54
C GLU B 213 -4.55 -5.23 25.26
N GLU B 214 -5.83 -5.60 25.09
CA GLU B 214 -6.08 -7.00 24.75
C GLU B 214 -5.64 -7.22 23.29
N ALA B 215 -5.98 -6.25 22.43
CA ALA B 215 -5.60 -6.30 21.01
C ALA B 215 -4.09 -6.48 20.91
N ARG B 216 -3.36 -5.62 21.61
CA ARG B 216 -1.90 -5.67 21.59
C ARG B 216 -1.35 -7.03 22.00
N LYS B 217 -2.03 -7.68 22.93
CA LYS B 217 -1.61 -9.01 23.39
C LYS B 217 -1.82 -10.05 22.29
N ILE B 218 -2.99 -10.01 21.65
CA ILE B 218 -3.33 -10.96 20.60
C ILE B 218 -2.49 -10.80 19.33
N PHE B 219 -2.37 -9.57 18.85
CA PHE B 219 -1.63 -9.26 17.64
C PHE B 219 -0.17 -8.95 17.85
N ARG B 220 0.18 -8.60 19.08
CA ARG B 220 1.55 -8.25 19.43
C ARG B 220 2.03 -7.02 18.67
N PHE B 221 1.81 -5.85 19.28
CA PHE B 221 2.24 -4.57 18.71
C PHE B 221 2.18 -3.48 19.76
#